data_3KLB
#
_entry.id   3KLB
#
_cell.length_a   96.764
_cell.length_b   96.764
_cell.length_c   47.882
_cell.angle_alpha   90.000
_cell.angle_beta   90.000
_cell.angle_gamma   90.000
#
_symmetry.space_group_name_H-M   'P 43 21 2'
#
loop_
_entity.id
_entity.type
_entity.pdbx_description
1 polymer 'Putative Flavoprotein'
2 non-polymer 'FLAVIN MONONUCLEOTIDE'
3 non-polymer 'SODIUM ION'
4 non-polymer GLYCEROL
5 non-polymer 1,2-ETHANEDIOL
6 water water
#
_entity_poly.entity_id   1
_entity_poly.type   'polypeptide(L)'
_entity_poly.pdbx_seq_one_letter_code
;G(MSE)NDRKILVAYFSCSGVTKAVAEKLAAITGADLYEIKPEVPYTEADLDWNDKKSRSSVE(MSE)RDALSRPAISGT
LFHPEKYEVLFVGFPVWWYIAPTIINTFLESYDFAGKIVVPFATSGGSGIGNCEKNLHKAYPDIVWKDGKLLNGQITRDL
VTEWFEKIRL
;
_entity_poly.pdbx_strand_id   A
#
loop_
_chem_comp.id
_chem_comp.type
_chem_comp.name
_chem_comp.formula
EDO non-polymer 1,2-ETHANEDIOL 'C2 H6 O2'
FMN non-polymer 'FLAVIN MONONUCLEOTIDE' 'C17 H21 N4 O9 P'
GOL non-polymer GLYCEROL 'C3 H8 O3'
NA non-polymer 'SODIUM ION' 'Na 1'
#
# COMPACT_ATOMS: atom_id res chain seq x y z
N GLY A 1 -7.74 -3.78 19.65
CA GLY A 1 -8.44 -3.15 18.49
C GLY A 1 -7.71 -1.89 18.04
N MSE A 2 -8.39 -1.08 17.25
CA MSE A 2 -7.82 0.15 16.62
C MSE A 2 -7.35 1.19 17.64
O MSE A 2 -6.39 1.92 17.38
CB MSE A 2 -8.87 0.82 15.74
CG MSE A 2 -9.89 -0.11 15.20
SE MSE A 2 -11.04 0.87 14.13
CE MSE A 2 -12.23 1.79 15.39
N ASN A 3 -8.08 1.27 18.74
CA ASN A 3 -7.69 2.13 19.85
C ASN A 3 -6.47 1.56 20.61
N ASP A 4 -6.30 0.24 20.53
CA ASP A 4 -5.18 -0.45 21.19
C ASP A 4 -3.80 -0.28 20.49
N ARG A 5 -3.74 0.47 19.37
CA ARG A 5 -2.54 0.51 18.50
C ARG A 5 -2.10 1.92 18.08
N LYS A 6 -0.79 2.10 17.97
CA LYS A 6 -0.25 3.23 17.21
C LYS A 6 -0.10 2.78 15.77
N ILE A 7 -0.86 3.44 14.89
CA ILE A 7 -1.01 2.99 13.52
C ILE A 7 -0.51 4.06 12.54
N LEU A 8 0.16 3.60 11.50
CA LEU A 8 0.52 4.45 10.35
C LEU A 8 -0.13 3.85 9.10
N VAL A 9 -0.88 4.66 8.36
CA VAL A 9 -1.39 4.32 7.03
C VAL A 9 -0.49 4.99 6.03
N ALA A 10 0.30 4.19 5.35
CA ALA A 10 1.19 4.69 4.29
C ALA A 10 0.53 4.35 2.94
N TYR A 11 0.62 5.23 1.96
CA TYR A 11 -0.01 4.95 0.66
C TYR A 11 0.71 5.64 -0.49
N PHE A 12 0.60 5.01 -1.67
CA PHE A 12 1.01 5.56 -2.96
C PHE A 12 -0.29 5.75 -3.77
N SER A 13 -0.43 6.91 -4.42
CA SER A 13 -1.63 7.22 -5.21
C SER A 13 -1.25 8.22 -6.28
N CYS A 14 -1.64 7.93 -7.53
CA CYS A 14 -1.40 8.82 -8.64
C CYS A 14 -2.62 9.59 -9.02
N SER A 15 -3.78 8.94 -9.09
CA SER A 15 -4.99 9.67 -9.43
C SER A 15 -5.92 9.91 -8.27
N GLY A 16 -5.42 9.76 -7.03
CA GLY A 16 -6.19 10.09 -5.86
C GLY A 16 -7.19 9.12 -5.30
N VAL A 17 -7.42 7.99 -5.98
CA VAL A 17 -8.41 7.03 -5.52
C VAL A 17 -7.91 6.36 -4.24
N THR A 18 -6.66 5.87 -4.29
CA THR A 18 -6.12 5.18 -3.11
C THR A 18 -5.93 6.20 -1.97
N LYS A 19 -5.56 7.43 -2.32
CA LYS A 19 -5.40 8.49 -1.33
C LYS A 19 -6.69 8.71 -0.56
N ALA A 20 -7.80 8.74 -1.27
CA ALA A 20 -9.09 8.95 -0.61
C ALA A 20 -9.42 7.79 0.31
N VAL A 21 -9.06 6.56 -0.10
CA VAL A 21 -9.28 5.38 0.77
C VAL A 21 -8.42 5.47 2.01
N ALA A 22 -7.15 5.80 1.80
CA ALA A 22 -6.21 5.96 2.93
C ALA A 22 -6.68 6.99 3.95
N GLU A 23 -7.17 8.11 3.46
CA GLU A 23 -7.65 9.15 4.35
C GLU A 23 -8.85 8.69 5.14
N LYS A 24 -9.75 7.95 4.52
CA LYS A 24 -10.88 7.35 5.23
C LYS A 24 -10.51 6.30 6.29
N LEU A 25 -9.58 5.40 5.95
N LEU A 25 -9.58 5.43 5.93
CA LEU A 25 -9.07 4.43 6.94
CA LEU A 25 -9.09 4.43 6.84
C LEU A 25 -8.49 5.15 8.14
C LEU A 25 -8.41 5.07 8.07
N ALA A 26 -7.63 6.13 7.86
CA ALA A 26 -7.05 6.95 8.93
C ALA A 26 -8.07 7.65 9.78
N ALA A 27 -9.07 8.28 9.15
CA ALA A 27 -10.14 8.91 9.91
C ALA A 27 -10.83 7.93 10.86
N ILE A 28 -11.18 6.76 10.34
CA ILE A 28 -11.85 5.74 11.15
C ILE A 28 -10.97 5.18 12.29
N THR A 29 -9.71 4.92 12.01
CA THR A 29 -8.83 4.25 12.94
C THR A 29 -8.07 5.21 13.86
N GLY A 30 -8.07 6.49 13.53
CA GLY A 30 -7.22 7.49 14.20
C GLY A 30 -5.73 7.39 13.85
N ALA A 31 -5.39 6.75 12.75
CA ALA A 31 -4.01 6.53 12.37
C ALA A 31 -3.39 7.82 11.84
N ASP A 32 -2.09 7.87 11.89
CA ASP A 32 -1.32 8.83 11.17
C ASP A 32 -1.28 8.41 9.71
N LEU A 33 -0.99 9.36 8.83
CA LEU A 33 -0.92 9.14 7.38
C LEU A 33 0.47 9.42 6.87
N TYR A 34 0.93 8.68 5.90
CA TYR A 34 2.21 8.95 5.21
C TYR A 34 2.01 8.71 3.71
N GLU A 35 2.20 9.76 2.92
CA GLU A 35 2.19 9.65 1.45
C GLU A 35 3.56 9.25 0.96
N ILE A 36 3.61 8.11 0.28
CA ILE A 36 4.83 7.64 -0.40
C ILE A 36 4.91 8.46 -1.67
N LYS A 37 5.75 9.51 -1.65
CA LYS A 37 5.87 10.45 -2.79
C LYS A 37 7.07 10.11 -3.67
N PRO A 38 6.85 9.92 -4.98
CA PRO A 38 7.97 9.68 -5.86
C PRO A 38 8.85 10.92 -6.02
N GLU A 39 10.15 10.72 -6.10
N GLU A 39 10.15 10.69 -6.08
CA GLU A 39 11.06 11.84 -6.40
CA GLU A 39 11.08 11.77 -6.42
C GLU A 39 10.69 12.47 -7.74
C GLU A 39 10.67 12.46 -7.72
N VAL A 40 10.25 11.65 -8.69
CA VAL A 40 9.81 12.14 -10.00
C VAL A 40 8.36 11.75 -10.17
N PRO A 41 7.44 12.71 -10.09
CA PRO A 41 6.01 12.42 -10.14
C PRO A 41 5.60 11.74 -11.45
N TYR A 42 4.60 10.90 -11.38
CA TYR A 42 4.09 10.22 -12.58
C TYR A 42 3.12 11.11 -13.32
N THR A 43 3.40 11.36 -14.59
CA THR A 43 2.51 12.09 -15.48
C THR A 43 1.44 11.20 -16.10
N GLU A 44 0.47 11.82 -16.75
N GLU A 44 0.47 11.81 -16.77
CA GLU A 44 -0.55 11.09 -17.52
CA GLU A 44 -0.56 11.01 -17.46
C GLU A 44 0.11 10.11 -18.49
C GLU A 44 0.09 10.11 -18.52
N ALA A 45 1.08 10.64 -19.24
CA ALA A 45 1.81 9.84 -20.23
C ALA A 45 2.49 8.65 -19.55
N ASP A 46 3.09 8.90 -18.40
CA ASP A 46 3.78 7.82 -17.69
C ASP A 46 2.84 6.66 -17.34
N LEU A 47 1.56 6.99 -17.13
CA LEU A 47 0.56 6.04 -16.64
C LEU A 47 -0.31 5.41 -17.75
N ASP A 48 0.07 5.63 -18.99
CA ASP A 48 -0.64 5.07 -20.11
C ASP A 48 -0.32 3.60 -20.30
N TRP A 49 -1.23 2.77 -19.82
CA TRP A 49 -1.04 1.34 -19.82
C TRP A 49 -1.20 0.74 -21.19
N ASN A 50 -1.68 1.54 -22.13
CA ASN A 50 -1.76 1.09 -23.53
C ASN A 50 -0.51 1.41 -24.31
N ASP A 51 0.44 2.07 -23.70
CA ASP A 51 1.72 2.39 -24.34
C ASP A 51 2.78 1.51 -23.71
N LYS A 52 3.30 0.57 -24.48
CA LYS A 52 4.29 -0.39 -23.99
C LYS A 52 5.59 0.26 -23.61
N LYS A 53 5.79 1.49 -24.05
CA LYS A 53 6.99 2.25 -23.75
C LYS A 53 6.78 3.31 -22.68
N SER A 54 5.62 3.38 -22.04
CA SER A 54 5.42 4.35 -20.95
C SER A 54 6.31 3.98 -19.78
N ARG A 55 6.65 4.97 -18.95
CA ARG A 55 7.39 4.73 -17.72
C ARG A 55 6.77 3.58 -16.90
N SER A 56 5.45 3.63 -16.64
CA SER A 56 4.85 2.57 -15.81
C SER A 56 4.96 1.20 -16.51
N SER A 57 4.83 1.14 -17.84
CA SER A 57 4.97 -0.15 -18.54
C SER A 57 6.38 -0.73 -18.41
N VAL A 58 7.37 0.15 -18.59
CA VAL A 58 8.75 -0.25 -18.54
C VAL A 58 9.15 -0.69 -17.14
N GLU A 59 8.77 0.11 -16.14
CA GLU A 59 9.05 -0.19 -14.73
C GLU A 59 8.44 -1.50 -14.30
N MSE A 60 7.19 -1.71 -14.70
CA MSE A 60 6.45 -2.86 -14.22
C MSE A 60 6.88 -4.20 -14.82
O MSE A 60 6.66 -5.23 -14.22
CB MSE A 60 4.96 -2.63 -14.34
CG MSE A 60 4.46 -1.58 -13.37
SE MSE A 60 4.96 -1.86 -11.49
CE MSE A 60 4.09 -3.58 -11.22
N ARG A 61 7.48 -4.19 -16.01
N ARG A 61 7.47 -4.16 -16.02
CA ARG A 61 8.04 -5.43 -16.52
CA ARG A 61 8.09 -5.35 -16.60
C ARG A 61 9.49 -5.66 -16.05
C ARG A 61 9.36 -5.74 -15.85
N ASP A 62 10.01 -4.76 -15.22
CA ASP A 62 11.32 -4.93 -14.63
C ASP A 62 11.17 -5.25 -13.14
N ALA A 63 11.42 -6.52 -12.79
CA ALA A 63 11.31 -7.00 -11.41
C ALA A 63 12.27 -6.27 -10.46
N LEU A 64 13.32 -5.67 -10.99
CA LEU A 64 14.26 -4.92 -10.16
C LEU A 64 14.07 -3.40 -10.14
N SER A 65 13.05 -2.89 -10.83
N SER A 65 13.04 -2.90 -10.83
CA SER A 65 12.83 -1.43 -10.83
CA SER A 65 12.75 -1.47 -10.82
C SER A 65 12.50 -0.96 -9.41
C SER A 65 12.51 -0.97 -9.37
N ARG A 66 13.10 0.16 -9.02
CA ARG A 66 12.89 0.75 -7.68
C ARG A 66 12.79 2.27 -7.81
N PRO A 67 11.58 2.76 -8.16
CA PRO A 67 11.40 4.19 -8.22
C PRO A 67 11.79 4.89 -6.92
N ALA A 68 12.49 6.00 -7.01
CA ALA A 68 12.94 6.70 -5.82
C ALA A 68 11.85 7.48 -5.14
N ILE A 69 11.95 7.56 -3.81
CA ILE A 69 10.96 8.21 -2.96
C ILE A 69 11.59 9.45 -2.37
N SER A 70 10.79 10.49 -2.28
CA SER A 70 11.19 11.76 -1.67
C SER A 70 10.89 11.73 -0.16
N GLY A 71 11.90 11.84 0.70
CA GLY A 71 11.67 11.89 2.15
C GLY A 71 11.85 10.57 2.88
N THR A 72 11.89 10.63 4.22
CA THR A 72 12.17 9.49 5.08
C THR A 72 11.43 9.63 6.38
N LEU A 73 10.82 8.54 6.84
CA LEU A 73 10.25 8.48 8.21
C LEU A 73 11.35 8.48 9.27
N PHE A 74 11.32 9.42 10.22
CA PHE A 74 12.29 9.52 11.27
C PHE A 74 12.18 8.40 12.34
N HIS A 75 10.95 8.07 12.76
CA HIS A 75 10.73 7.09 13.84
C HIS A 75 9.64 6.06 13.47
N PRO A 76 9.82 5.33 12.35
CA PRO A 76 8.80 4.38 11.92
C PRO A 76 8.55 3.27 12.94
N GLU A 77 9.54 2.97 13.75
CA GLU A 77 9.44 1.94 14.73
C GLU A 77 8.47 2.31 15.86
N LYS A 78 8.09 3.58 15.97
CA LYS A 78 7.10 3.97 16.96
C LYS A 78 5.67 3.49 16.63
N TYR A 79 5.45 3.14 15.37
CA TYR A 79 4.17 2.59 14.95
C TYR A 79 4.18 1.07 15.09
N GLU A 80 3.16 0.55 15.74
CA GLU A 80 3.03 -0.90 15.94
C GLU A 80 2.36 -1.61 14.76
N VAL A 81 1.52 -0.89 14.02
CA VAL A 81 0.84 -1.42 12.85
C VAL A 81 1.02 -0.48 11.69
N LEU A 82 1.43 -1.00 10.53
CA LEU A 82 1.57 -0.25 9.32
C LEU A 82 0.60 -0.82 8.27
N PHE A 83 -0.33 0.02 7.79
CA PHE A 83 -1.10 -0.28 6.60
C PHE A 83 -0.35 0.28 5.42
N VAL A 84 -0.29 -0.45 4.30
CA VAL A 84 0.45 -0.02 3.12
C VAL A 84 -0.49 -0.19 1.92
N GLY A 85 -0.85 0.93 1.33
CA GLY A 85 -1.82 1.01 0.25
C GLY A 85 -1.30 1.45 -1.09
N PHE A 86 -1.93 0.95 -2.16
CA PHE A 86 -1.47 1.28 -3.51
C PHE A 86 -2.57 0.95 -4.51
N PRO A 87 -2.48 1.53 -5.70
CA PRO A 87 -3.24 0.99 -6.83
C PRO A 87 -2.63 -0.31 -7.29
N VAL A 88 -3.46 -1.28 -7.74
CA VAL A 88 -2.95 -2.44 -8.49
C VAL A 88 -2.39 -1.97 -9.84
N TRP A 89 -1.12 -2.27 -10.11
CA TRP A 89 -0.52 -2.05 -11.41
C TRP A 89 -0.10 -3.39 -11.97
N TRP A 90 -0.68 -3.76 -13.12
CA TRP A 90 -0.35 -5.01 -13.77
C TRP A 90 -0.37 -6.19 -12.79
N TYR A 91 -1.45 -6.21 -12.03
CA TYR A 91 -1.82 -7.35 -11.19
C TYR A 91 -1.00 -7.47 -9.92
N ILE A 92 -0.08 -6.52 -9.68
CA ILE A 92 0.79 -6.57 -8.50
C ILE A 92 0.93 -5.19 -7.90
N ALA A 93 1.71 -5.08 -6.82
CA ALA A 93 2.08 -3.76 -6.30
C ALA A 93 2.99 -2.99 -7.22
N PRO A 94 2.74 -1.66 -7.33
CA PRO A 94 3.70 -0.79 -8.00
C PRO A 94 5.10 -0.94 -7.34
N THR A 95 6.18 -0.83 -8.10
CA THR A 95 7.50 -1.14 -7.54
C THR A 95 8.00 -0.08 -6.57
N ILE A 96 7.36 1.10 -6.56
CA ILE A 96 7.68 2.08 -5.51
C ILE A 96 7.32 1.52 -4.12
N ILE A 97 6.38 0.59 -4.05
CA ILE A 97 6.07 -0.05 -2.79
C ILE A 97 7.25 -0.94 -2.37
N ASN A 98 7.87 -1.61 -3.32
CA ASN A 98 9.16 -2.28 -3.04
C ASN A 98 10.26 -1.32 -2.56
N THR A 99 10.40 -0.15 -3.18
CA THR A 99 11.34 0.82 -2.71
C THR A 99 11.07 1.16 -1.24
N PHE A 100 9.80 1.39 -0.92
CA PHE A 100 9.37 1.75 0.42
C PHE A 100 9.71 0.62 1.43
N LEU A 101 9.31 -0.60 1.12
CA LEU A 101 9.52 -1.73 2.07
C LEU A 101 11.01 -1.99 2.28
N GLU A 102 11.83 -1.66 1.30
CA GLU A 102 13.27 -1.88 1.36
C GLU A 102 14.02 -0.68 1.93
N SER A 103 13.34 0.41 2.23
CA SER A 103 13.96 1.62 2.80
C SER A 103 14.11 1.59 4.32
N TYR A 104 13.43 0.65 4.97
CA TYR A 104 13.44 0.47 6.41
C TYR A 104 13.57 -1.01 6.71
N ASP A 105 13.90 -1.36 7.95
CA ASP A 105 13.98 -2.76 8.32
C ASP A 105 12.66 -3.10 8.94
N PHE A 106 11.79 -3.67 8.12
CA PHE A 106 10.47 -4.07 8.56
C PHE A 106 10.37 -5.56 9.00
N ALA A 107 11.51 -6.25 9.15
CA ALA A 107 11.49 -7.58 9.78
C ALA A 107 10.79 -7.54 11.13
N GLY A 108 9.80 -8.42 11.30
CA GLY A 108 9.12 -8.56 12.56
C GLY A 108 8.02 -7.51 12.77
N LYS A 109 7.75 -6.70 11.78
N LYS A 109 7.80 -6.65 11.78
CA LYS A 109 6.77 -5.62 11.94
CA LYS A 109 6.79 -5.57 11.84
C LYS A 109 5.47 -5.95 11.23
C LYS A 109 5.48 -6.09 11.33
N ILE A 110 4.37 -5.60 11.90
CA ILE A 110 3.00 -5.95 11.43
C ILE A 110 2.66 -5.02 10.27
N VAL A 111 2.46 -5.60 9.09
CA VAL A 111 2.09 -4.84 7.89
C VAL A 111 0.83 -5.41 7.26
N VAL A 112 -0.11 -4.51 6.92
CA VAL A 112 -1.40 -4.86 6.37
C VAL A 112 -1.58 -4.13 5.02
N PRO A 113 -1.58 -4.88 3.91
CA PRO A 113 -1.77 -4.27 2.62
C PRO A 113 -3.23 -3.93 2.29
N PHE A 114 -3.40 -2.85 1.55
CA PHE A 114 -4.67 -2.53 0.93
C PHE A 114 -4.46 -1.93 -0.42
N ALA A 115 -5.51 -1.97 -1.25
CA ALA A 115 -5.36 -1.58 -2.64
C ALA A 115 -6.67 -1.04 -3.19
N THR A 116 -6.56 -0.28 -4.26
CA THR A 116 -7.71 -0.03 -5.15
C THR A 116 -7.32 -0.51 -6.54
N SER A 117 -8.31 -0.72 -7.40
CA SER A 117 -8.10 -1.33 -8.71
C SER A 117 -9.22 -0.98 -9.65
N GLY A 118 -8.98 -1.29 -10.93
CA GLY A 118 -10.05 -1.17 -11.97
C GLY A 118 -10.80 -2.48 -12.16
N GLY A 119 -10.75 -3.35 -11.16
CA GLY A 119 -11.40 -4.63 -11.24
C GLY A 119 -10.62 -5.84 -10.72
N SER A 120 -9.29 -5.84 -10.81
CA SER A 120 -8.50 -6.94 -10.28
C SER A 120 -8.48 -7.00 -8.77
N GLY A 121 -8.27 -8.21 -8.24
CA GLY A 121 -8.16 -8.39 -6.80
C GLY A 121 -6.82 -8.08 -6.19
N ILE A 122 -6.77 -8.07 -4.85
CA ILE A 122 -5.51 -7.85 -4.16
C ILE A 122 -4.74 -9.17 -3.94
N GLY A 123 -5.39 -10.31 -4.07
CA GLY A 123 -4.74 -11.58 -3.72
C GLY A 123 -3.39 -11.83 -4.38
N ASN A 124 -3.30 -11.56 -5.68
CA ASN A 124 -2.06 -11.76 -6.40
C ASN A 124 -0.98 -10.83 -5.89
N CYS A 125 -1.39 -9.60 -5.56
N CYS A 125 -1.40 -9.64 -5.55
CA CYS A 125 -0.47 -8.62 -4.96
CA CYS A 125 -0.45 -8.69 -5.00
C CYS A 125 0.09 -9.15 -3.64
C CYS A 125 0.09 -9.18 -3.66
N GLU A 126 -0.80 -9.65 -2.78
CA GLU A 126 -0.38 -10.21 -1.48
C GLU A 126 0.56 -11.39 -1.58
N LYS A 127 0.27 -12.36 -2.44
N LYS A 127 0.20 -12.35 -2.43
CA LYS A 127 1.12 -13.54 -2.54
CA LYS A 127 1.00 -13.53 -2.77
C LYS A 127 2.51 -13.15 -2.99
C LYS A 127 2.44 -13.15 -3.00
N ASN A 128 2.62 -12.20 -3.90
CA ASN A 128 3.93 -11.74 -4.29
C ASN A 128 4.71 -11.01 -3.21
N LEU A 129 4.03 -10.20 -2.41
CA LEU A 129 4.62 -9.54 -1.25
C LEU A 129 5.04 -10.56 -0.17
N HIS A 130 4.23 -11.58 0.05
CA HIS A 130 4.56 -12.56 1.06
C HIS A 130 5.87 -13.29 0.75
N LYS A 131 6.07 -13.61 -0.53
CA LYS A 131 7.31 -14.24 -0.99
C LYS A 131 8.49 -13.28 -1.03
N ALA A 132 8.25 -12.00 -1.34
CA ALA A 132 9.32 -11.04 -1.51
C ALA A 132 9.92 -10.65 -0.17
N TYR A 133 9.08 -10.60 0.89
CA TYR A 133 9.50 -10.13 2.22
C TYR A 133 8.97 -11.09 3.29
N PRO A 134 9.56 -12.29 3.33
CA PRO A 134 9.00 -13.34 4.22
C PRO A 134 9.07 -13.02 5.72
N ASP A 135 9.98 -12.13 6.09
CA ASP A 135 10.23 -11.75 7.47
C ASP A 135 9.33 -10.65 8.01
N ILE A 136 8.50 -10.06 7.16
CA ILE A 136 7.43 -9.15 7.59
C ILE A 136 6.28 -9.96 8.18
N VAL A 137 5.64 -9.40 9.23
CA VAL A 137 4.47 -10.05 9.86
C VAL A 137 3.25 -9.59 9.05
N TRP A 138 3.03 -10.27 7.91
CA TRP A 138 1.92 -9.88 7.04
C TRP A 138 0.59 -10.32 7.61
N LYS A 139 -0.40 -9.41 7.61
CA LYS A 139 -1.75 -9.74 8.01
C LYS A 139 -2.66 -9.62 6.78
N ASP A 140 -3.79 -10.34 6.75
CA ASP A 140 -4.60 -10.34 5.55
C ASP A 140 -5.04 -8.93 5.18
N GLY A 141 -4.83 -8.59 3.91
CA GLY A 141 -5.19 -7.31 3.36
C GLY A 141 -6.56 -7.25 2.70
N LYS A 142 -6.88 -6.08 2.16
CA LYS A 142 -8.20 -5.87 1.52
C LYS A 142 -8.10 -4.97 0.31
N LEU A 143 -8.82 -5.40 -0.74
CA LEU A 143 -9.18 -4.53 -1.84
C LEU A 143 -10.32 -3.64 -1.32
N LEU A 144 -10.17 -2.32 -1.51
CA LEU A 144 -11.08 -1.32 -0.92
C LEU A 144 -11.65 -0.42 -2.01
N ASN A 145 -12.29 -1.03 -3.00
CA ASN A 145 -12.97 -0.27 -4.07
C ASN A 145 -14.39 0.13 -3.73
N GLY A 146 -14.98 -0.46 -2.68
CA GLY A 146 -16.35 -0.17 -2.31
C GLY A 146 -16.53 0.78 -1.13
N GLN A 147 -17.64 0.59 -0.43
CA GLN A 147 -18.00 1.49 0.66
C GLN A 147 -17.24 1.08 1.93
N ILE A 148 -16.45 1.98 2.49
N ILE A 148 -16.45 2.01 2.47
CA ILE A 148 -15.67 1.65 3.69
CA ILE A 148 -15.74 1.79 3.71
C ILE A 148 -16.38 2.23 4.92
C ILE A 148 -16.64 2.25 4.86
N THR A 149 -16.86 1.34 5.79
CA THR A 149 -17.62 1.72 7.00
C THR A 149 -16.76 1.42 8.24
N ARG A 150 -17.16 1.99 9.36
N ARG A 150 -17.14 2.01 9.37
CA ARG A 150 -16.51 1.68 10.63
CA ARG A 150 -16.56 1.65 10.66
C ARG A 150 -16.69 0.18 10.97
C ARG A 150 -16.64 0.13 10.84
N ASP A 151 -17.82 -0.42 10.60
CA ASP A 151 -18.00 -1.88 10.80
C ASP A 151 -17.03 -2.73 9.97
N LEU A 152 -16.81 -2.35 8.72
N LEU A 152 -16.81 -2.35 8.72
CA LEU A 152 -15.87 -3.07 7.87
CA LEU A 152 -15.87 -3.07 7.88
C LEU A 152 -14.47 -3.07 8.49
C LEU A 152 -14.47 -3.07 8.49
N VAL A 153 -14.04 -1.91 8.97
CA VAL A 153 -12.70 -1.78 9.54
C VAL A 153 -12.60 -2.51 10.88
N THR A 154 -13.58 -2.36 11.75
CA THR A 154 -13.50 -3.08 13.03
C THR A 154 -13.49 -4.62 12.82
N GLU A 155 -14.31 -5.13 11.89
N GLU A 155 -14.28 -5.12 11.87
CA GLU A 155 -14.24 -6.56 11.59
CA GLU A 155 -14.31 -6.56 11.63
C GLU A 155 -12.85 -6.93 11.12
C GLU A 155 -13.03 -7.04 10.87
N TRP A 156 -12.33 -6.11 10.21
CA TRP A 156 -11.00 -6.39 9.66
C TRP A 156 -9.96 -6.56 10.77
N PHE A 157 -9.96 -5.64 11.74
CA PHE A 157 -9.06 -5.74 12.88
C PHE A 157 -9.31 -7.03 13.64
N GLU A 158 -10.57 -7.41 13.77
CA GLU A 158 -10.92 -8.70 14.44
C GLU A 158 -10.36 -9.91 13.69
N LYS A 159 -10.64 -9.96 12.38
CA LYS A 159 -10.22 -11.05 11.52
C LYS A 159 -8.70 -11.20 11.52
N ILE A 160 -7.95 -10.12 11.65
CA ILE A 160 -6.47 -10.21 11.67
C ILE A 160 -5.88 -10.08 13.08
N ARG A 161 -6.75 -10.18 14.08
CA ARG A 161 -6.31 -10.28 15.47
C ARG A 161 -5.45 -9.11 15.91
N LEU A 162 -5.86 -7.93 15.50
CA LEU A 162 -5.33 -6.69 16.03
C LEU A 162 -6.38 -5.95 16.87
N1 FMN B . -6.46 -2.08 -12.46
C2 FMN B . -6.76 -3.40 -12.42
O2 FMN B . -7.89 -3.81 -12.07
N3 FMN B . -5.75 -4.30 -12.68
C4 FMN B . -4.48 -3.88 -13.07
O4 FMN B . -3.60 -4.75 -13.29
C4A FMN B . -4.23 -2.52 -13.21
N5 FMN B . -3.01 -2.05 -13.68
C5A FMN B . -2.81 -0.70 -13.85
C6 FMN B . -1.56 -0.27 -14.36
C7 FMN B . -1.30 1.10 -14.42
C7M FMN B . 0.05 1.57 -14.94
C8 FMN B . -2.26 2.02 -13.99
C8M FMN B . -2.09 3.53 -14.02
C9 FMN B . -3.51 1.59 -13.49
C9A FMN B . -3.77 0.24 -13.44
N10 FMN B . -4.98 -0.23 -12.93
C10 FMN B . -5.22 -1.60 -12.89
C1' FMN B . -6.00 0.74 -12.42
C2' FMN B . -5.65 1.25 -11.03
O2' FMN B . -5.37 0.14 -10.17
C3' FMN B . -6.86 2.00 -10.48
O3' FMN B . -7.35 2.95 -11.44
C4' FMN B . -6.55 2.67 -9.13
O4' FMN B . -7.72 2.94 -8.38
C5' FMN B . -5.84 3.98 -9.28
O5' FMN B . -5.45 4.38 -8.00
P FMN B . -4.85 5.84 -7.71
O1P FMN B . -5.88 6.89 -8.16
O2P FMN B . -3.58 6.15 -8.47
O3P FMN B . -4.66 5.96 -6.22
NA NA C . 6.08 -13.31 7.10
C1 GOL D . 3.03 -5.57 -18.74
O1 GOL D . 3.72 -5.76 -17.53
C2 GOL D . 3.70 -4.42 -19.47
O2 GOL D . 4.28 -3.63 -18.48
C3 GOL D . 2.74 -3.59 -20.31
O3 GOL D . 3.34 -3.12 -21.51
C1 GOL E . 13.39 1.14 10.77
O1 GOL E . 14.43 0.74 9.83
C2 GOL E . 12.24 0.10 11.00
O2 GOL E . 12.54 -0.74 12.11
C3 GOL E . 10.87 0.70 11.30
O3 GOL E . 9.93 -0.16 11.98
C1 EDO F . -1.66 7.53 15.69
O1 EDO F . -0.63 6.67 15.22
C2 EDO F . -2.57 6.64 16.46
O2 EDO F . -2.69 5.41 15.78
C1 EDO G . 17.67 8.97 14.18
O1 EDO G . 17.49 8.78 15.58
C2 EDO G . 16.30 8.97 13.53
O2 EDO G . 15.92 7.65 13.14
C1 EDO H . -2.75 -17.40 3.90
O1 EDO H . -3.22 -18.09 2.74
C2 EDO H . -3.81 -16.40 4.32
O2 EDO H . -3.44 -15.88 5.61
C1 EDO I . 2.44 -10.69 16.64
C1 EDO I . 4.50 -9.31 16.34
O1 EDO I . 3.32 -9.60 16.94
O1 EDO I . 5.41 -8.49 15.60
C2 EDO I . 0.98 -10.22 16.62
C2 EDO I . 3.45 -9.82 15.36
O2 EDO I . 0.50 -10.23 15.27
O2 EDO I . 2.50 -10.70 15.97
C1 EDO J . -14.65 -2.89 0.47
O1 EDO J . -14.40 -2.49 -0.88
C2 EDO J . -16.13 -2.93 0.80
O2 EDO J . -16.76 -3.78 -0.13
C1 EDO K . -1.24 11.95 -12.94
O1 EDO K . -1.43 13.23 -13.56
C2 EDO K . -2.59 11.44 -12.45
O2 EDO K . -3.38 10.99 -13.56
C1 EDO L . -22.89 3.01 4.86
O1 EDO L . -21.79 3.92 4.73
C2 EDO L . -23.86 3.18 3.69
O2 EDO L . -24.29 4.54 3.57
C1 EDO M . -13.40 5.55 -0.62
O1 EDO M . -13.83 4.90 0.58
C2 EDO M . -13.09 7.01 -0.39
O2 EDO M . -14.33 7.73 -0.48
C1 EDO N . 8.00 -8.80 -12.06
O1 EDO N . 6.76 -9.44 -11.73
C2 EDO N . 7.94 -8.29 -13.49
O2 EDO N . 8.55 -9.23 -14.38
C1 EDO O . 12.22 -6.65 5.38
O1 EDO O . 12.11 -7.75 4.50
C2 EDO O . 11.88 -5.48 4.48
O2 EDO O . 11.81 -4.32 5.25
#